data_2FAC
#
_entry.id   2FAC
#
_cell.length_a   48.414
_cell.length_b   105.045
_cell.length_c   27.927
_cell.angle_alpha   90.00
_cell.angle_beta   90.00
_cell.angle_gamma   90.00
#
_symmetry.space_group_name_H-M   'P 21 21 2'
#
loop_
_entity.id
_entity.type
_entity.pdbx_description
1 polymer 'Acyl carrier protein'
2 non-polymer 'ZINC ION'
3 non-polymer 'S-(2-{[N-(2-HYDROXY-4-{[HYDROXY(OXIDO)PHOSPHINO]OXY}-3,3-DIMETHYLBUTANOYL)-BETA-ALANYL]AMINO}ETHYL) HEXANETHIOATE'
4 water water
#
_entity_poly.entity_id   1
_entity_poly.type   'polypeptide(L)'
_entity_poly.pdbx_seq_one_letter_code
;STIEERVKKIIGEQLGVKQEEVTNNASFVEDLGADSLDTVELVMALEEEFDTEIPDEEAEKITTVQAAIDYINGHQA
;
_entity_poly.pdbx_strand_id   A,B
#
loop_
_chem_comp.id
_chem_comp.type
_chem_comp.name
_chem_comp.formula
PM4 non-polymer 'S-(2-{[N-(2-HYDROXY-4-{[HYDROXY(OXIDO)PHOSPHINO]OXY}-3,3-DIMETHYLBUTANOYL)-BETA-ALANYL]AMINO}ETHYL) HEXANETHIOATE' 'C17 H33 N2 O7 P S'
ZN non-polymer 'ZINC ION' 'Zn 2'
#
# COMPACT_ATOMS: atom_id res chain seq x y z
N SER A 1 -2.35 8.80 -4.65
CA SER A 1 -1.18 8.52 -3.74
C SER A 1 0.15 8.78 -4.48
N THR A 2 1.21 9.17 -3.76
CA THR A 2 2.50 9.40 -4.44
C THR A 2 3.48 8.25 -4.13
N ILE A 3 4.58 8.19 -4.88
CA ILE A 3 5.58 7.15 -4.63
C ILE A 3 6.16 7.31 -3.21
N GLU A 4 6.39 8.55 -2.82
CA GLU A 4 6.89 8.84 -1.47
C GLU A 4 5.96 8.23 -0.43
N GLU A 5 4.66 8.46 -0.57
CA GLU A 5 3.71 7.91 0.40
C GLU A 5 3.67 6.39 0.40
N ARG A 6 3.72 5.78 -0.79
CA ARG A 6 3.66 4.32 -0.87
C ARG A 6 4.93 3.67 -0.33
N VAL A 7 6.07 4.26 -0.62
CA VAL A 7 7.34 3.73 -0.12
C VAL A 7 7.42 3.86 1.40
N LYS A 8 7.00 5.01 1.94
CA LYS A 8 7.04 5.21 3.39
C LYS A 8 6.09 4.29 4.10
N LYS A 9 4.97 4.04 3.48
CA LYS A 9 4.02 3.14 4.09
C LYS A 9 4.63 1.73 4.23
N ILE A 10 5.31 1.26 3.17
CA ILE A 10 5.93 -0.08 3.17
C ILE A 10 7.08 -0.17 4.18
N ILE A 11 7.93 0.85 4.21
CA ILE A 11 9.02 0.86 5.17
C ILE A 11 8.48 0.78 6.61
N GLY A 12 7.46 1.57 6.91
CA GLY A 12 6.91 1.58 8.27
C GLY A 12 6.31 0.23 8.61
N GLU A 13 5.54 -0.33 7.69
CA GLU A 13 4.94 -1.64 7.94
C GLU A 13 6.03 -2.71 8.18
N GLN A 14 7.03 -2.74 7.32
CA GLN A 14 8.11 -3.72 7.42
C GLN A 14 8.97 -3.58 8.65
N LEU A 15 9.33 -2.36 9.01
CA LEU A 15 10.21 -2.13 10.18
C LEU A 15 9.50 -1.98 11.53
N GLY A 16 8.18 -1.87 11.51
CA GLY A 16 7.45 -1.69 12.75
C GLY A 16 7.69 -0.30 13.35
N VAL A 17 7.78 0.71 12.48
CA VAL A 17 7.98 2.10 12.92
C VAL A 17 6.76 2.93 12.52
N LYS A 18 6.40 3.91 13.36
CA LYS A 18 5.25 4.75 13.07
C LYS A 18 5.57 5.71 11.94
N GLN A 19 4.57 5.98 11.12
CA GLN A 19 4.71 6.86 9.96
C GLN A 19 5.47 8.18 10.21
N GLU A 20 5.18 8.85 11.33
CA GLU A 20 5.84 10.13 11.61
C GLU A 20 7.36 10.01 11.72
N GLU A 21 7.83 8.80 12.01
CA GLU A 21 9.25 8.53 12.18
C GLU A 21 9.98 8.25 10.86
N VAL A 22 9.22 7.87 9.83
CA VAL A 22 9.78 7.53 8.54
C VAL A 22 9.96 8.80 7.71
N THR A 23 11.00 9.57 8.04
CA THR A 23 11.29 10.83 7.35
C THR A 23 12.21 10.54 6.19
N ASN A 24 12.20 11.43 5.21
CA ASN A 24 13.02 11.18 4.02
C ASN A 24 14.52 10.98 4.31
N ASN A 25 15.04 11.71 5.29
CA ASN A 25 16.43 11.62 5.68
C ASN A 25 16.79 10.44 6.60
N ALA A 26 15.78 9.80 7.18
CA ALA A 26 16.01 8.69 8.11
C ALA A 26 16.85 7.53 7.55
N SER A 27 17.81 7.06 8.33
CA SER A 27 18.66 5.93 7.97
C SER A 27 17.90 4.66 8.44
N PHE A 28 17.80 3.64 7.58
CA PHE A 28 17.10 2.43 7.98
C PHE A 28 17.71 1.81 9.25
N VAL A 29 19.04 1.77 9.27
CA VAL A 29 19.72 1.14 10.40
C VAL A 29 19.86 2.04 11.59
N GLU A 30 20.45 3.21 11.40
CA GLU A 30 20.68 4.14 12.50
C GLU A 30 19.47 4.82 13.09
N ASP A 31 18.49 5.17 12.27
CA ASP A 31 17.32 5.84 12.79
C ASP A 31 16.08 4.97 12.94
N LEU A 32 15.90 4.04 12.02
CA LEU A 32 14.70 3.24 12.06
C LEU A 32 14.86 1.90 12.74
N GLY A 33 16.07 1.66 13.22
CA GLY A 33 16.38 0.42 13.94
C GLY A 33 16.32 -0.91 13.19
N ALA A 34 16.45 -0.89 11.86
CA ALA A 34 16.40 -2.14 11.08
C ALA A 34 17.56 -3.09 11.37
N ASP A 35 17.26 -4.39 11.47
CA ASP A 35 18.31 -5.39 11.68
C ASP A 35 18.65 -6.13 10.37
N SER A 36 19.49 -7.15 10.43
CA SER A 36 19.85 -7.83 9.22
C SER A 36 18.70 -8.45 8.43
N LEU A 37 17.77 -9.13 9.11
CA LEU A 37 16.64 -9.72 8.39
C LEU A 37 15.74 -8.61 7.84
N ASP A 38 15.58 -7.53 8.58
CA ASP A 38 14.76 -6.40 8.10
C ASP A 38 15.21 -5.91 6.73
N THR A 39 16.52 -5.87 6.51
CA THR A 39 17.09 -5.43 5.23
C THR A 39 16.57 -6.32 4.10
N VAL A 40 16.75 -7.62 4.26
CA VAL A 40 16.28 -8.59 3.28
C VAL A 40 14.78 -8.46 3.00
N GLU A 41 13.98 -8.46 4.05
CA GLU A 41 12.55 -8.36 3.88
C GLU A 41 12.09 -7.02 3.33
N LEU A 42 12.74 -5.93 3.72
CA LEU A 42 12.35 -4.60 3.20
C LEU A 42 12.66 -4.51 1.70
N VAL A 43 13.82 -5.00 1.30
CA VAL A 43 14.18 -4.99 -0.11
C VAL A 43 13.19 -5.83 -0.92
N MET A 44 12.91 -7.04 -0.48
CA MET A 44 11.99 -7.88 -1.25
C MET A 44 10.57 -7.28 -1.33
N ALA A 45 10.14 -6.62 -0.26
CA ALA A 45 8.83 -5.98 -0.23
C ALA A 45 8.78 -4.87 -1.26
N LEU A 46 9.85 -4.08 -1.33
CA LEU A 46 9.86 -3.00 -2.31
C LEU A 46 10.02 -3.53 -3.76
N GLU A 47 10.81 -4.59 -3.92
CA GLU A 47 10.97 -5.17 -5.28
C GLU A 47 9.63 -5.73 -5.76
N GLU A 48 8.84 -6.31 -4.85
CA GLU A 48 7.53 -6.83 -5.21
C GLU A 48 6.51 -5.71 -5.53
N GLU A 49 6.40 -4.72 -4.65
CA GLU A 49 5.45 -3.64 -4.88
C GLU A 49 5.74 -2.88 -6.19
N PHE A 50 7.01 -2.59 -6.45
CA PHE A 50 7.37 -1.84 -7.65
C PHE A 50 7.89 -2.68 -8.82
N ASP A 51 7.70 -3.99 -8.72
CA ASP A 51 8.04 -4.94 -9.78
C ASP A 51 9.42 -4.65 -10.40
N THR A 52 10.43 -4.48 -9.53
CA THR A 52 11.79 -4.18 -9.96
C THR A 52 12.80 -4.96 -9.11
N GLU A 53 13.92 -5.38 -9.69
CA GLU A 53 14.92 -6.12 -8.94
C GLU A 53 16.17 -5.26 -8.79
N ILE A 54 16.64 -5.08 -7.56
CA ILE A 54 17.86 -4.30 -7.34
C ILE A 54 18.99 -5.26 -6.92
N PRO A 55 20.19 -5.12 -7.48
CA PRO A 55 21.26 -6.04 -7.07
C PRO A 55 21.52 -5.85 -5.59
N ASP A 56 21.77 -6.95 -4.87
CA ASP A 56 21.98 -6.87 -3.45
C ASP A 56 23.11 -5.91 -3.03
N GLU A 57 24.18 -5.85 -3.80
CA GLU A 57 25.30 -4.97 -3.45
C GLU A 57 24.89 -3.51 -3.60
N GLU A 58 23.91 -3.26 -4.48
CA GLU A 58 23.42 -1.91 -4.68
C GLU A 58 22.45 -1.56 -3.56
N ALA A 59 21.67 -2.54 -3.15
CA ALA A 59 20.68 -2.31 -2.10
C ALA A 59 21.35 -2.01 -0.77
N GLU A 60 22.54 -2.58 -0.60
CA GLU A 60 23.30 -2.43 0.64
C GLU A 60 23.72 -0.98 0.84
N LYS A 61 23.93 -0.26 -0.28
CA LYS A 61 24.31 1.13 -0.24
C LYS A 61 23.12 2.08 -0.13
N ILE A 62 21.90 1.58 -0.27
CA ILE A 62 20.72 2.43 -0.12
C ILE A 62 20.46 2.44 1.37
N THR A 63 20.94 3.50 2.02
CA THR A 63 20.85 3.60 3.46
C THR A 63 19.78 4.49 4.06
N THR A 64 19.08 5.26 3.23
CA THR A 64 18.06 6.15 3.74
C THR A 64 16.75 6.04 2.98
N VAL A 65 15.68 6.52 3.58
CA VAL A 65 14.35 6.49 2.95
C VAL A 65 14.43 7.21 1.58
N GLN A 66 15.04 8.38 1.55
CA GLN A 66 15.10 9.10 0.29
C GLN A 66 15.86 8.36 -0.81
N ALA A 67 16.90 7.62 -0.45
CA ALA A 67 17.67 6.87 -1.46
C ALA A 67 16.82 5.74 -2.04
N ALA A 68 15.91 5.18 -1.24
CA ALA A 68 15.02 4.09 -1.73
C ALA A 68 14.00 4.67 -2.70
N ILE A 69 13.41 5.78 -2.32
CA ILE A 69 12.47 6.50 -3.15
C ILE A 69 13.17 6.87 -4.45
N ASP A 70 14.39 7.42 -4.37
CA ASP A 70 15.11 7.79 -5.62
C ASP A 70 15.34 6.58 -6.55
N TYR A 71 15.74 5.43 -5.98
CA TYR A 71 15.99 4.27 -6.83
C TYR A 71 14.70 3.82 -7.56
N ILE A 72 13.60 3.82 -6.84
CA ILE A 72 12.34 3.41 -7.39
C ILE A 72 11.93 4.35 -8.53
N ASN A 73 11.97 5.64 -8.28
CA ASN A 73 11.63 6.62 -9.34
C ASN A 73 12.55 6.42 -10.54
N GLY A 74 13.82 6.12 -10.30
CA GLY A 74 14.74 5.89 -11.41
C GLY A 74 14.63 4.56 -12.12
N HIS A 75 14.06 3.53 -11.49
CA HIS A 75 13.98 2.24 -12.14
C HIS A 75 12.63 1.60 -12.35
N GLN A 76 11.57 2.08 -11.69
CA GLN A 76 10.28 1.43 -11.87
C GLN A 76 9.77 1.64 -13.27
N ALA A 77 9.26 0.56 -13.89
CA ALA A 77 8.70 0.60 -15.24
C ALA A 77 7.22 0.20 -15.29
N SER B 1 3.00 -3.90 -8.35
CA SER B 1 1.87 -4.85 -8.14
C SER B 1 0.67 -4.33 -8.94
N THR B 2 -0.34 -5.17 -9.16
CA THR B 2 -1.51 -4.77 -9.98
C THR B 2 -2.53 -3.97 -9.19
N ILE B 3 -3.47 -3.34 -9.91
CA ILE B 3 -4.54 -2.58 -9.27
C ILE B 3 -5.29 -3.52 -8.32
N GLU B 4 -5.58 -4.73 -8.78
CA GLU B 4 -6.26 -5.74 -7.95
C GLU B 4 -5.51 -5.95 -6.63
N GLU B 5 -4.21 -6.21 -6.72
CA GLU B 5 -3.42 -6.41 -5.51
C GLU B 5 -3.45 -5.18 -4.58
N ARG B 6 -3.32 -3.98 -5.14
CA ARG B 6 -3.31 -2.78 -4.27
C ARG B 6 -4.66 -2.49 -3.60
N VAL B 7 -5.75 -2.71 -4.35
CA VAL B 7 -7.09 -2.47 -3.83
C VAL B 7 -7.35 -3.48 -2.70
N LYS B 8 -7.08 -4.76 -2.96
CA LYS B 8 -7.28 -5.77 -1.93
C LYS B 8 -6.47 -5.49 -0.68
N LYS B 9 -5.25 -5.00 -0.86
CA LYS B 9 -4.41 -4.70 0.29
C LYS B 9 -5.02 -3.58 1.12
N ILE B 10 -5.52 -2.54 0.47
CA ILE B 10 -6.15 -1.43 1.21
C ILE B 10 -7.45 -1.90 1.93
N ILE B 11 -8.24 -2.72 1.25
CA ILE B 11 -9.47 -3.24 1.84
C ILE B 11 -9.12 -4.04 3.10
N GLY B 12 -8.09 -4.88 2.98
CA GLY B 12 -7.63 -5.69 4.11
C GLY B 12 -7.17 -4.82 5.27
N GLU B 13 -6.33 -3.83 5.00
CA GLU B 13 -5.83 -2.96 6.08
C GLU B 13 -6.97 -2.15 6.73
N GLN B 14 -7.85 -1.62 5.90
CA GLN B 14 -8.95 -0.77 6.39
C GLN B 14 -9.92 -1.53 7.30
N LEU B 15 -10.31 -2.74 6.87
CA LEU B 15 -11.28 -3.55 7.60
C LEU B 15 -10.66 -4.53 8.59
N GLY B 16 -9.33 -4.56 8.67
CA GLY B 16 -8.66 -5.50 9.57
C GLY B 16 -9.00 -6.96 9.26
N VAL B 17 -9.03 -7.30 7.97
CA VAL B 17 -9.32 -8.67 7.50
C VAL B 17 -8.12 -9.24 6.76
N LYS B 18 -7.82 -10.53 6.96
CA LYS B 18 -6.66 -11.14 6.31
C LYS B 18 -6.81 -11.24 4.81
N GLN B 19 -5.69 -11.15 4.09
CA GLN B 19 -5.77 -11.19 2.63
C GLN B 19 -6.53 -12.35 2.00
N GLU B 20 -6.42 -13.56 2.54
CA GLU B 20 -7.15 -14.66 1.92
C GLU B 20 -8.66 -14.50 1.91
N GLU B 21 -9.21 -13.71 2.85
CA GLU B 21 -10.66 -13.46 2.94
C GLU B 21 -11.14 -12.38 1.99
N VAL B 22 -10.19 -11.61 1.46
CA VAL B 22 -10.57 -10.54 0.53
C VAL B 22 -10.66 -11.06 -0.89
N THR B 23 -11.66 -11.90 -1.12
CA THR B 23 -11.84 -12.50 -2.44
C THR B 23 -12.64 -11.56 -3.29
N ASN B 24 -12.53 -11.70 -4.61
CA ASN B 24 -13.23 -10.79 -5.51
C ASN B 24 -14.73 -10.76 -5.32
N ASN B 25 -15.32 -11.88 -4.92
CA ASN B 25 -16.76 -11.94 -4.72
C ASN B 25 -17.25 -11.52 -3.31
N ALA B 26 -16.34 -11.20 -2.41
CA ALA B 26 -16.71 -10.82 -1.07
C ALA B 26 -17.46 -9.49 -0.94
N SER B 27 -18.51 -9.51 -0.12
CA SER B 27 -19.30 -8.33 0.17
C SER B 27 -18.62 -7.61 1.33
N PHE B 28 -18.39 -6.30 1.22
CA PHE B 28 -17.76 -5.56 2.30
C PHE B 28 -18.55 -5.72 3.62
N VAL B 29 -19.86 -5.51 3.55
CA VAL B 29 -20.67 -5.61 4.76
C VAL B 29 -20.96 -7.04 5.20
N GLU B 30 -21.43 -7.87 4.29
CA GLU B 30 -21.82 -9.22 4.69
C GLU B 30 -20.74 -10.27 4.86
N ASP B 31 -19.61 -10.11 4.17
CA ASP B 31 -18.52 -11.08 4.31
C ASP B 31 -17.33 -10.51 5.08
N LEU B 32 -17.01 -9.23 4.88
CA LEU B 32 -15.84 -8.63 5.53
C LEU B 32 -16.09 -7.85 6.81
N GLY B 33 -17.34 -7.87 7.26
CA GLY B 33 -17.72 -7.21 8.49
C GLY B 33 -17.62 -5.69 8.59
N ALA B 34 -17.70 -5.00 7.46
CA ALA B 34 -17.60 -3.55 7.50
C ALA B 34 -18.82 -2.92 8.15
N ASP B 35 -18.65 -2.14 9.20
CA ASP B 35 -19.79 -1.45 9.79
C ASP B 35 -19.95 -0.12 9.02
N SER B 36 -20.92 0.70 9.42
CA SER B 36 -21.16 1.93 8.68
C SER B 36 -20.00 2.92 8.60
N LEU B 37 -19.26 3.12 9.68
CA LEU B 37 -18.15 4.03 9.62
C LEU B 37 -17.03 3.40 8.79
N ASP B 38 -16.81 2.09 8.97
CA ASP B 38 -15.77 1.42 8.20
C ASP B 38 -15.95 1.71 6.73
N THR B 39 -17.18 1.63 6.21
CA THR B 39 -17.34 1.87 4.79
C THR B 39 -16.99 3.29 4.37
N VAL B 40 -17.35 4.27 5.21
CA VAL B 40 -17.03 5.65 4.87
C VAL B 40 -15.51 5.80 4.82
N GLU B 41 -14.82 5.20 5.79
CA GLU B 41 -13.36 5.30 5.83
C GLU B 41 -12.70 4.52 4.69
N LEU B 42 -13.28 3.38 4.31
CA LEU B 42 -12.72 2.59 3.19
C LEU B 42 -12.86 3.39 1.87
N VAL B 43 -13.99 4.07 1.69
CA VAL B 43 -14.17 4.88 0.50
C VAL B 43 -13.11 5.97 0.46
N MET B 44 -12.91 6.65 1.59
CA MET B 44 -11.92 7.69 1.65
C MET B 44 -10.53 7.15 1.38
N ALA B 45 -10.21 5.98 1.90
CA ALA B 45 -8.89 5.41 1.68
C ALA B 45 -8.64 5.16 0.20
N LEU B 46 -9.65 4.65 -0.51
CA LEU B 46 -9.50 4.36 -1.94
C LEU B 46 -9.44 5.64 -2.80
N GLU B 47 -10.17 6.68 -2.38
CA GLU B 47 -10.15 7.96 -3.09
C GLU B 47 -8.75 8.56 -2.95
N GLU B 48 -8.13 8.38 -1.80
CA GLU B 48 -6.78 8.91 -1.59
C GLU B 48 -5.74 8.17 -2.42
N GLU B 49 -5.77 6.85 -2.35
CA GLU B 49 -4.83 6.02 -3.08
C GLU B 49 -4.93 6.12 -4.60
N PHE B 50 -6.15 6.21 -5.12
CA PHE B 50 -6.36 6.22 -6.56
C PHE B 50 -6.74 7.54 -7.21
N ASP B 51 -6.65 8.63 -6.45
CA ASP B 51 -6.92 9.97 -6.97
C ASP B 51 -8.20 10.15 -7.75
N THR B 52 -9.31 9.68 -7.20
CA THR B 52 -10.58 9.83 -7.87
C THR B 52 -11.61 9.96 -6.77
N GLU B 53 -12.57 10.85 -6.93
CA GLU B 53 -13.60 10.97 -5.89
C GLU B 53 -14.83 10.26 -6.43
N ILE B 54 -15.44 9.43 -5.60
CA ILE B 54 -16.64 8.74 -6.02
C ILE B 54 -17.85 9.32 -5.28
N PRO B 55 -18.88 9.73 -6.03
CA PRO B 55 -20.11 10.30 -5.49
C PRO B 55 -20.72 9.28 -4.52
N ASP B 56 -21.15 9.75 -3.37
CA ASP B 56 -21.72 8.86 -2.37
C ASP B 56 -22.80 7.95 -2.90
N GLU B 57 -23.62 8.47 -3.81
CA GLU B 57 -24.72 7.73 -4.42
C GLU B 57 -24.16 6.51 -5.16
N GLU B 58 -23.03 6.71 -5.81
CA GLU B 58 -22.38 5.64 -6.56
C GLU B 58 -21.66 4.65 -5.65
N ALA B 59 -20.96 5.18 -4.64
CA ALA B 59 -20.26 4.30 -3.72
C ALA B 59 -21.27 3.35 -3.01
N GLU B 60 -22.47 3.84 -2.76
CA GLU B 60 -23.53 3.09 -2.10
C GLU B 60 -23.86 1.80 -2.88
N LYS B 61 -23.62 1.81 -4.18
CA LYS B 61 -23.90 0.63 -5.01
C LYS B 61 -22.71 -0.33 -5.19
N ILE B 62 -21.53 0.05 -4.68
CA ILE B 62 -20.34 -0.79 -4.75
C ILE B 62 -20.27 -1.71 -3.52
N THR B 63 -20.96 -2.84 -3.59
CA THR B 63 -21.02 -3.73 -2.44
C THR B 63 -19.99 -4.83 -2.35
N THR B 64 -19.22 -5.07 -3.41
CA THR B 64 -18.25 -6.17 -3.40
C THR B 64 -16.87 -5.73 -3.80
N VAL B 65 -15.89 -6.56 -3.44
CA VAL B 65 -14.49 -6.30 -3.80
C VAL B 65 -14.34 -6.10 -5.30
N GLN B 66 -14.94 -6.98 -6.08
CA GLN B 66 -14.82 -6.86 -7.54
C GLN B 66 -15.41 -5.55 -8.02
N ALA B 67 -16.53 -5.14 -7.44
CA ALA B 67 -17.18 -3.89 -7.83
C ALA B 67 -16.23 -2.70 -7.60
N ALA B 68 -15.52 -2.74 -6.48
CA ALA B 68 -14.54 -1.72 -6.13
C ALA B 68 -13.40 -1.73 -7.14
N ILE B 69 -12.86 -2.92 -7.43
CA ILE B 69 -11.78 -3.01 -8.40
C ILE B 69 -12.23 -2.47 -9.76
N ASP B 70 -13.43 -2.83 -10.19
CA ASP B 70 -13.97 -2.37 -11.48
C ASP B 70 -14.10 -0.86 -11.53
N TYR B 71 -14.58 -0.28 -10.44
CA TYR B 71 -14.78 1.14 -10.41
C TYR B 71 -13.44 1.85 -10.51
N ILE B 72 -12.44 1.34 -9.78
CA ILE B 72 -11.13 1.97 -9.81
C ILE B 72 -10.47 1.81 -11.18
N ASN B 73 -10.59 0.64 -11.81
CA ASN B 73 -9.97 0.50 -13.14
C ASN B 73 -10.65 1.39 -14.16
N GLY B 74 -11.96 1.60 -13.97
CA GLY B 74 -12.71 2.45 -14.89
C GLY B 74 -12.56 3.94 -14.65
N HIS B 75 -12.31 4.33 -13.41
CA HIS B 75 -12.19 5.76 -13.07
C HIS B 75 -10.84 6.23 -12.49
N GLN B 76 -9.84 5.34 -12.42
CA GLN B 76 -8.54 5.76 -11.88
C GLN B 76 -7.93 6.85 -12.73
N ALA B 77 -7.42 7.89 -12.07
CA ALA B 77 -6.80 9.01 -12.77
C ALA B 77 -5.28 9.06 -12.55
ZN ZN C . -1.67 9.43 -6.75
ZN ZN D . 9.58 4.36 16.72
ZN ZN E . 20.37 9.85 10.21
ZN ZN F . 14.71 -8.88 13.44
ZN ZN G . 18.08 -9.33 -3.38
ZN ZN H . 13.38 -11.05 -6.54
ZN ZN I . 5.11 -1.36 -13.66
O23 PM4 J . 23.62 -9.47 8.44
P24 PM4 J . 23.35 -8.27 9.37
O26 PM4 J . 24.48 -8.13 10.39
O27 PM4 J . 23.31 -7.00 8.49
C28 PM4 J . 23.16 -5.71 9.02
C29 PM4 J . 23.35 -4.68 7.90
C30 PM4 J . 23.53 -3.29 8.54
C31 PM4 J . 24.65 -5.06 7.13
C32 PM4 J . 22.14 -4.67 6.93
O33 PM4 J . 20.97 -4.32 7.68
C34 PM4 J . 22.41 -3.59 5.86
O35 PM4 J . 23.29 -3.75 5.02
N36 PM4 J . 21.67 -2.49 5.91
C37 PM4 J . 21.82 -1.38 4.96
C38 PM4 J . 20.58 -0.50 4.79
C39 PM4 J . 19.38 -1.22 4.22
O40 PM4 J . 18.59 -1.84 4.94
N41 PM4 J . 19.27 -1.11 2.90
C42 PM4 J . 18.22 -1.67 2.05
C43 PM4 J . 17.15 -0.61 1.90
S1 PM4 J . 15.69 -0.88 0.87
C1 PM4 J . 16.29 -1.06 -0.79
O1 PM4 J . 17.49 -0.99 -1.02
C2 PM4 J . 15.25 -1.30 -1.88
C3 PM4 J . 15.24 -0.23 -2.95
C4 PM4 J . 14.12 -0.46 -3.96
C5 PM4 J . 14.20 -1.75 -4.67
C6 PM4 J . 13.04 -1.85 -5.67
ZN ZN K . 2.39 -9.30 -7.11
ZN ZN L . -17.98 10.32 -0.10
ZN ZN M . -4.84 12.46 -4.62
ZN ZN N . -27.70 -9.50 1.84
O23 PM4 O . -25.14 3.73 8.90
P24 PM4 O . -24.84 2.24 8.75
O26 PM4 O . -25.98 1.42 9.37
O27 PM4 O . -24.72 1.92 7.24
C28 PM4 O . -24.47 0.61 6.75
C29 PM4 O . -24.49 0.60 5.21
C30 PM4 O . -24.52 -0.87 4.75
C31 PM4 O . -25.77 1.30 4.73
C32 PM4 O . -23.26 1.32 4.64
O33 PM4 O . -22.09 0.61 5.03
C34 PM4 O . -23.37 1.35 3.11
O35 PM4 O . -24.26 2.01 2.56
N36 PM4 O . -22.51 0.64 2.42
C37 PM4 O . -22.53 0.56 0.96
C38 PM4 O . -21.60 -0.48 0.42
C39 PM4 O . -20.15 -0.22 0.69
O40 PM4 O . -19.49 -0.86 1.51
N41 PM4 O . -19.69 0.77 -0.07
C42 PM4 O . -18.35 1.31 -0.14
C43 PM4 O . -17.64 0.36 -1.07
S1 PM4 O . -16.02 0.67 -1.65
C1 PM4 O . -16.18 2.14 -2.74
O1 PM4 O . -17.28 2.55 -3.10
C2 PM4 O . -14.92 2.86 -3.20
C3 PM4 O . -14.81 2.85 -4.73
C4 PM4 O . -13.55 3.59 -5.19
C5 PM4 O . -13.53 5.03 -4.76
C6 PM4 O . -12.27 5.71 -5.23
#